data_4UNS
#
_entry.id   4UNS
#
_cell.length_a   75.513
_cell.length_b   75.513
_cell.length_c   71.817
_cell.angle_alpha   90.00
_cell.angle_beta   90.00
_cell.angle_gamma   120.00
#
_symmetry.space_group_name_H-M   'P 32'
#
loop_
_entity.id
_entity.type
_entity.pdbx_description
1 polymer 'THYMIDYLATE KINASE'
2 non-polymer N-[4-(3-CYANO-7-ETHYL-5-METHYL-2-OXO-1H-1,6-NAPHTHYRIDIN-4-YL)PHENYL]METHANESULFONAMIDE
3 non-polymer 'SODIUM ION'
4 water water
#
_entity_poly.entity_id   1
_entity_poly.type   'polypeptide(L)'
_entity_poly.pdbx_seq_one_letter_code
;MLIAIEGVDGAGKRTLVEKLSGAFRAAGRSVATLAFPRYGQSVAADIAAEALHGEHGDLASSVYAMATLFALDRAGAVHT
IQGLCRGYDVVILDRYVASNAAYSAARLHENAAGKAAAWVQRIEFARLGLPKPDWQVLLAVSAELAGERSRGRAQRDPGR
ARDNYERDAELQQRTGAVYAELAAQGWGGRWLVVGADVDPGRLAATLAPP
;
_entity_poly.pdbx_strand_id   A,B
#
loop_
_chem_comp.id
_chem_comp.type
_chem_comp.name
_chem_comp.formula
NA non-polymer 'SODIUM ION' 'Na 1'
QZ3 non-polymer N-[4-(3-CYANO-7-ETHYL-5-METHYL-2-OXO-1H-1,6-NAPHTHYRIDIN-4-YL)PHENYL]METHANESULFONAMIDE 'C19 H18 N4 O3 S'
#
# COMPACT_ATOMS: atom_id res chain seq x y z
N MET A 1 -22.69 -18.05 3.91
CA MET A 1 -21.82 -18.67 2.85
C MET A 1 -21.19 -17.55 2.04
N LEU A 2 -19.89 -17.68 1.75
CA LEU A 2 -19.12 -16.69 0.96
C LEU A 2 -18.67 -17.26 -0.40
N ILE A 3 -19.07 -16.59 -1.47
CA ILE A 3 -18.85 -17.07 -2.81
C ILE A 3 -18.19 -15.94 -3.56
N ALA A 4 -17.16 -16.25 -4.34
CA ALA A 4 -16.48 -15.30 -5.18
C ALA A 4 -16.70 -15.70 -6.62
N ILE A 5 -17.06 -14.73 -7.45
CA ILE A 5 -17.23 -14.95 -8.87
C ILE A 5 -15.97 -14.43 -9.52
N GLU A 6 -15.34 -15.27 -10.36
CA GLU A 6 -14.07 -14.92 -10.97
C GLU A 6 -14.10 -15.15 -12.47
N GLY A 7 -13.16 -14.52 -13.18
CA GLY A 7 -13.00 -14.66 -14.62
C GLY A 7 -12.30 -13.43 -15.19
N VAL A 8 -11.99 -13.45 -16.49
CA VAL A 8 -11.37 -12.30 -17.18
C VAL A 8 -12.41 -11.22 -17.46
N ASP A 9 -11.95 -10.03 -17.78
CA ASP A 9 -12.86 -8.90 -18.01
C ASP A 9 -13.74 -9.14 -19.22
N GLY A 10 -15.02 -8.83 -19.12
CA GLY A 10 -15.94 -9.03 -20.25
C GLY A 10 -16.47 -10.44 -20.31
N ALA A 11 -16.05 -11.28 -19.36
CA ALA A 11 -16.61 -12.62 -19.26
C ALA A 11 -18.12 -12.54 -18.95
N GLY A 12 -18.54 -11.49 -18.24
CA GLY A 12 -19.95 -11.28 -17.91
C GLY A 12 -20.19 -11.68 -16.48
N LYS A 13 -19.23 -11.36 -15.62
CA LYS A 13 -19.32 -11.72 -14.21
C LYS A 13 -20.49 -11.08 -13.50
N ARG A 14 -20.73 -9.80 -13.78
CA ARG A 14 -21.75 -9.08 -13.00
C ARG A 14 -23.13 -9.63 -13.34
N THR A 15 -23.33 -10.00 -14.60
CA THR A 15 -24.57 -10.64 -15.06
C THR A 15 -24.81 -11.94 -14.27
N LEU A 16 -23.75 -12.72 -14.11
CA LEU A 16 -23.82 -13.97 -13.34
C LEU A 16 -24.08 -13.69 -11.85
N VAL A 17 -23.42 -12.70 -11.29
CA VAL A 17 -23.68 -12.32 -9.89
C VAL A 17 -25.17 -12.02 -9.68
N GLU A 18 -25.76 -11.32 -10.64
CA GLU A 18 -27.15 -10.91 -10.56
C GLU A 18 -28.10 -12.10 -10.77
N LYS A 19 -27.79 -12.94 -11.74
CA LYS A 19 -28.54 -14.18 -11.97
C LYS A 19 -28.48 -15.08 -10.73
N LEU A 20 -27.29 -15.24 -10.15
CA LEU A 20 -27.15 -16.02 -8.91
C LEU A 20 -27.93 -15.44 -7.74
N SER A 21 -27.86 -14.13 -7.55
CA SER A 21 -28.60 -13.48 -6.48
C SER A 21 -30.09 -13.77 -6.56
N GLY A 22 -30.67 -13.63 -7.77
CA GLY A 22 -32.08 -13.93 -7.97
C GLY A 22 -32.42 -15.36 -7.61
N ALA A 23 -31.57 -16.30 -8.03
CA ALA A 23 -31.81 -17.71 -7.80
C ALA A 23 -31.76 -18.02 -6.30
N PHE A 24 -30.76 -17.50 -5.59
CA PHE A 24 -30.65 -17.72 -4.16
C PHE A 24 -31.86 -17.13 -3.41
N ARG A 25 -32.30 -15.95 -3.79
CA ARG A 25 -33.50 -15.33 -3.20
C ARG A 25 -34.79 -16.10 -3.52
N ALA A 26 -34.90 -16.61 -4.74
CA ALA A 26 -36.02 -17.49 -5.12
C ALA A 26 -36.05 -18.76 -4.27
N ALA A 27 -34.87 -19.19 -3.81
CA ALA A 27 -34.73 -20.35 -2.94
C ALA A 27 -34.86 -20.01 -1.47
N GLY A 28 -35.25 -18.78 -1.14
CA GLY A 28 -35.46 -18.37 0.26
C GLY A 28 -34.25 -17.81 1.01
N ARG A 29 -33.18 -17.54 0.28
CA ARG A 29 -31.91 -17.13 0.89
C ARG A 29 -31.63 -15.65 0.70
N SER A 30 -31.25 -14.97 1.77
CA SER A 30 -30.84 -13.56 1.68
C SER A 30 -29.43 -13.46 1.07
N VAL A 31 -29.21 -12.40 0.32
CA VAL A 31 -28.00 -12.20 -0.46
C VAL A 31 -27.55 -10.77 -0.30
N ALA A 32 -26.24 -10.58 -0.11
CA ALA A 32 -25.57 -9.28 -0.23
C ALA A 32 -24.38 -9.41 -1.16
N THR A 33 -24.03 -8.34 -1.86
CA THR A 33 -22.90 -8.40 -2.78
C THR A 33 -21.94 -7.23 -2.61
N LEU A 34 -20.71 -7.49 -3.06
CA LEU A 34 -19.63 -6.51 -3.10
C LEU A 34 -18.80 -6.79 -4.36
N ALA A 35 -18.23 -5.75 -4.94
CA ALA A 35 -17.39 -5.87 -6.13
C ALA A 35 -15.99 -5.32 -5.84
N PHE A 36 -14.96 -6.02 -6.29
CA PHE A 36 -13.58 -5.53 -6.26
C PHE A 36 -13.03 -5.38 -7.71
N PRO A 37 -12.04 -4.48 -7.90
CA PRO A 37 -11.54 -3.55 -6.90
C PRO A 37 -12.54 -2.46 -6.53
N ARG A 38 -12.42 -1.92 -5.32
CA ARG A 38 -13.30 -0.83 -4.86
C ARG A 38 -12.82 0.52 -5.35
N TYR A 39 -12.86 0.70 -6.67
CA TYR A 39 -12.50 1.95 -7.28
C TYR A 39 -13.47 3.02 -6.79
N GLY A 40 -12.94 4.16 -6.35
CA GLY A 40 -13.74 5.25 -5.79
C GLY A 40 -13.80 5.30 -4.27
N GLN A 41 -13.43 4.20 -3.61
CA GLN A 41 -13.48 4.07 -2.14
C GLN A 41 -12.12 3.71 -1.56
N SER A 42 -11.33 2.95 -2.31
CA SER A 42 -10.02 2.54 -1.84
C SER A 42 -8.97 3.35 -2.56
N VAL A 43 -8.13 4.04 -1.78
CA VAL A 43 -7.01 4.77 -2.36
C VAL A 43 -6.05 3.80 -3.03
N ALA A 44 -5.81 2.64 -2.42
CA ALA A 44 -4.90 1.63 -3.02
C ALA A 44 -5.40 1.16 -4.37
N ALA A 45 -6.70 0.83 -4.44
CA ALA A 45 -7.37 0.51 -5.69
C ALA A 45 -7.15 1.59 -6.74
N ASP A 46 -7.49 2.82 -6.37
CA ASP A 46 -7.41 3.97 -7.30
C ASP A 46 -5.98 4.17 -7.83
N ILE A 47 -4.99 4.11 -6.95
CA ILE A 47 -3.60 4.26 -7.37
C ILE A 47 -3.23 3.14 -8.31
N ALA A 48 -3.69 1.92 -8.00
CA ALA A 48 -3.46 0.78 -8.89
C ALA A 48 -4.10 0.98 -10.28
N ALA A 49 -5.36 1.36 -10.33
CA ALA A 49 -6.01 1.60 -11.64
C ALA A 49 -5.22 2.68 -12.37
N GLU A 50 -4.89 3.74 -11.65
CA GLU A 50 -4.13 4.84 -12.20
C GLU A 50 -2.78 4.39 -12.74
N ALA A 51 -2.10 3.50 -12.03
CA ALA A 51 -0.80 2.97 -12.47
C ALA A 51 -0.89 2.20 -13.79
N LEU A 52 -1.95 1.41 -13.94
CA LEU A 52 -2.21 0.66 -15.17
C LEU A 52 -2.46 1.57 -16.38
N HIS A 53 -2.86 2.82 -16.14
CA HIS A 53 -2.98 3.83 -17.19
C HIS A 53 -1.75 4.76 -17.26
N GLY A 54 -0.60 4.28 -16.80
CA GLY A 54 0.67 4.99 -16.99
C GLY A 54 1.08 6.00 -15.92
N GLU A 55 0.17 6.31 -14.98
CA GLU A 55 0.50 7.24 -13.90
C GLU A 55 1.42 6.57 -12.89
N HIS A 56 1.93 7.37 -11.96
CA HIS A 56 2.72 6.86 -10.85
C HIS A 56 4.00 6.16 -11.27
N GLY A 57 4.71 6.75 -12.22
CA GLY A 57 6.07 6.32 -12.57
C GLY A 57 6.22 4.90 -13.06
N ASP A 58 7.14 4.16 -12.43
CA ASP A 58 7.43 2.75 -12.78
C ASP A 58 6.62 1.74 -11.92
N LEU A 59 5.59 2.22 -11.23
CA LEU A 59 4.77 1.36 -10.35
C LEU A 59 4.22 0.15 -11.08
N ALA A 60 3.56 0.38 -12.21
CA ALA A 60 2.93 -0.70 -12.97
C ALA A 60 3.91 -1.72 -13.54
N SER A 61 5.21 -1.39 -13.53
CA SER A 61 6.23 -2.35 -13.96
C SER A 61 6.42 -3.50 -12.95
N SER A 62 6.02 -3.32 -11.69
CA SER A 62 6.11 -4.38 -10.68
C SER A 62 4.77 -5.09 -10.50
N VAL A 63 4.77 -6.38 -10.83
CA VAL A 63 3.61 -7.24 -10.67
C VAL A 63 3.26 -7.31 -9.20
N TYR A 64 4.25 -7.56 -8.35
CA TYR A 64 4.00 -7.71 -6.92
C TYR A 64 3.55 -6.38 -6.29
N ALA A 65 3.99 -5.26 -6.86
CA ALA A 65 3.53 -3.97 -6.37
C ALA A 65 2.04 -3.82 -6.60
N MET A 66 1.61 -4.09 -7.83
CA MET A 66 0.20 -4.02 -8.18
C MET A 66 -0.61 -5.02 -7.35
N ALA A 67 -0.09 -6.23 -7.23
CA ALA A 67 -0.77 -7.25 -6.42
C ALA A 67 -0.94 -6.82 -4.97
N THR A 68 0.04 -6.10 -4.46
CA THR A 68 0.01 -5.61 -3.09
C THR A 68 -1.09 -4.57 -2.88
N LEU A 69 -1.19 -3.61 -3.80
CA LEU A 69 -2.21 -2.59 -3.78
C LEU A 69 -3.61 -3.21 -3.81
N PHE A 70 -3.82 -4.17 -4.70
CA PHE A 70 -5.15 -4.79 -4.81
C PHE A 70 -5.48 -5.57 -3.55
N ALA A 71 -4.44 -6.15 -2.93
CA ALA A 71 -4.58 -6.87 -1.68
C ALA A 71 -4.97 -5.92 -0.57
N LEU A 72 -4.32 -4.76 -0.56
CA LEU A 72 -4.59 -3.76 0.47
C LEU A 72 -6.01 -3.26 0.35
N ASP A 73 -6.52 -3.17 -0.86
CA ASP A 73 -7.89 -2.80 -1.11
C ASP A 73 -8.79 -3.82 -0.40
N ARG A 74 -8.65 -5.09 -0.75
CA ARG A 74 -9.48 -6.15 -0.15
C ARG A 74 -9.35 -6.21 1.38
N ALA A 75 -8.13 -6.03 1.88
CA ALA A 75 -7.90 -6.12 3.33
C ALA A 75 -8.63 -5.00 4.06
N GLY A 76 -8.83 -3.89 3.37
CA GLY A 76 -9.58 -2.78 3.93
C GLY A 76 -11.04 -3.12 4.15
N ALA A 77 -11.56 -4.02 3.33
CA ALA A 77 -12.96 -4.42 3.39
C ALA A 77 -13.19 -5.66 4.23
N VAL A 78 -12.15 -6.17 4.88
CA VAL A 78 -12.29 -7.41 5.68
C VAL A 78 -13.42 -7.38 6.70
N HIS A 79 -13.59 -6.24 7.36
CA HIS A 79 -14.64 -6.14 8.39
C HIS A 79 -16.01 -6.05 7.73
N THR A 80 -16.11 -5.32 6.61
CA THR A 80 -17.34 -5.30 5.80
C THR A 80 -17.73 -6.72 5.36
N ILE A 81 -16.79 -7.48 4.81
CA ILE A 81 -17.05 -8.84 4.37
C ILE A 81 -17.54 -9.74 5.52
N GLN A 82 -16.84 -9.70 6.65
CA GLN A 82 -17.22 -10.49 7.81
C GLN A 82 -18.60 -10.04 8.33
N GLY A 83 -18.92 -8.74 8.21
CA GLY A 83 -20.25 -8.23 8.57
C GLY A 83 -21.40 -8.75 7.70
N LEU A 84 -21.18 -8.78 6.38
CA LEU A 84 -22.16 -9.36 5.44
C LEU A 84 -22.34 -10.85 5.68
N CYS A 85 -21.27 -11.55 5.99
CA CYS A 85 -21.35 -12.99 6.24
C CYS A 85 -22.19 -13.32 7.49
N ARG A 86 -22.19 -12.40 8.46
CA ARG A 86 -23.07 -12.52 9.63
C ARG A 86 -24.50 -12.09 9.29
N GLY A 87 -24.65 -11.09 8.41
CA GLY A 87 -25.99 -10.51 8.18
C GLY A 87 -26.88 -11.19 7.14
N TYR A 88 -26.29 -12.09 6.35
CA TYR A 88 -26.93 -12.60 5.13
C TYR A 88 -26.57 -14.08 4.93
N ASP A 89 -27.48 -14.83 4.31
CA ASP A 89 -27.25 -16.25 4.08
C ASP A 89 -26.07 -16.47 3.11
N VAL A 90 -25.99 -15.62 2.09
CA VAL A 90 -25.01 -15.74 1.03
C VAL A 90 -24.43 -14.36 0.72
N VAL A 91 -23.11 -14.28 0.70
CA VAL A 91 -22.40 -13.09 0.29
C VAL A 91 -21.69 -13.41 -1.03
N ILE A 92 -22.03 -12.71 -2.12
CA ILE A 92 -21.35 -12.93 -3.41
C ILE A 92 -20.38 -11.77 -3.71
N LEU A 93 -19.11 -12.11 -3.97
CA LEU A 93 -18.08 -11.13 -4.32
C LEU A 93 -17.79 -11.19 -5.80
N ASP A 94 -17.96 -10.07 -6.50
CA ASP A 94 -17.57 -9.94 -7.89
C ASP A 94 -16.04 -9.62 -7.88
N ARG A 95 -15.24 -10.65 -8.12
CA ARG A 95 -13.79 -10.70 -7.88
C ARG A 95 -13.39 -10.81 -6.41
N TYR A 96 -12.36 -11.61 -6.15
CA TYR A 96 -11.83 -11.70 -4.82
C TYR A 96 -10.32 -12.01 -4.95
N VAL A 97 -9.78 -12.69 -3.95
CA VAL A 97 -8.36 -12.95 -3.86
C VAL A 97 -7.79 -13.70 -5.07
N ALA A 98 -8.57 -14.61 -5.68
CA ALA A 98 -8.03 -15.40 -6.82
C ALA A 98 -7.74 -14.54 -8.06
N SER A 99 -8.37 -13.38 -8.15
CA SER A 99 -8.06 -12.45 -9.21
C SER A 99 -6.59 -12.08 -9.13
N ASN A 100 -6.12 -11.92 -7.90
CA ASN A 100 -4.72 -11.54 -7.71
C ASN A 100 -3.82 -12.72 -8.11
N ALA A 101 -4.19 -13.95 -7.76
CA ALA A 101 -3.35 -15.11 -8.15
C ALA A 101 -3.29 -15.28 -9.68
N ALA A 102 -4.44 -15.24 -10.33
CA ALA A 102 -4.49 -15.44 -11.77
C ALA A 102 -3.82 -14.33 -12.60
N TYR A 103 -4.11 -13.06 -12.29
CA TYR A 103 -3.51 -11.96 -13.06
C TYR A 103 -2.01 -11.82 -12.80
N SER A 104 -1.57 -12.06 -11.58
CA SER A 104 -0.12 -11.99 -11.27
C SER A 104 0.69 -13.15 -11.89
N ALA A 105 0.21 -14.38 -11.70
CA ALA A 105 0.81 -15.57 -12.32
C ALA A 105 0.90 -15.43 -13.85
N ALA A 106 -0.23 -15.13 -14.47
CA ALA A 106 -0.28 -14.91 -15.92
C ALA A 106 0.78 -13.91 -16.38
N ARG A 107 0.87 -12.77 -15.71
CA ARG A 107 1.85 -11.75 -16.09
C ARG A 107 3.26 -12.27 -15.97
N LEU A 108 3.51 -13.04 -14.92
CA LEU A 108 4.83 -13.59 -14.66
C LEU A 108 5.08 -14.94 -15.38
N HIS A 109 4.15 -15.40 -16.20
CA HIS A 109 4.34 -16.65 -16.95
C HIS A 109 4.63 -17.77 -15.98
N GLU A 110 3.94 -17.74 -14.83
CA GLU A 110 3.98 -18.79 -13.84
C GLU A 110 2.69 -19.59 -13.89
N ASN A 111 2.72 -20.78 -13.30
CA ASN A 111 1.50 -21.56 -13.13
C ASN A 111 0.93 -21.41 -11.71
N ALA A 112 -0.26 -21.94 -11.52
CA ALA A 112 -0.97 -21.91 -10.25
C ALA A 112 -0.18 -22.53 -9.11
N ALA A 113 0.75 -23.42 -9.40
CA ALA A 113 1.65 -23.94 -8.36
C ALA A 113 2.87 -23.05 -8.16
N GLY A 114 2.94 -21.96 -8.91
CA GLY A 114 4.11 -21.08 -8.87
C GLY A 114 4.17 -20.21 -7.63
N LYS A 115 5.18 -19.34 -7.63
CA LYS A 115 5.50 -18.53 -6.46
C LYS A 115 4.47 -17.43 -6.17
N ALA A 116 4.05 -16.73 -7.21
CA ALA A 116 3.13 -15.61 -7.07
C ALA A 116 1.81 -16.06 -6.47
N ALA A 117 1.27 -17.16 -6.99
CA ALA A 117 -0.03 -17.65 -6.52
C ALA A 117 0.05 -18.05 -5.05
N ALA A 118 1.18 -18.63 -4.67
CA ALA A 118 1.41 -19.01 -3.27
C ALA A 118 1.53 -17.77 -2.37
N TRP A 119 2.30 -16.79 -2.85
CA TRP A 119 2.49 -15.51 -2.19
C TRP A 119 1.17 -14.84 -1.88
N VAL A 120 0.32 -14.73 -2.89
CA VAL A 120 -1.03 -14.19 -2.71
C VAL A 120 -1.75 -14.84 -1.54
N GLN A 121 -1.73 -16.16 -1.48
CA GLN A 121 -2.31 -16.85 -0.33
C GLN A 121 -1.72 -16.45 1.02
N ARG A 122 -0.39 -16.46 1.11
CA ARG A 122 0.30 -16.05 2.34
C ARG A 122 -0.13 -14.66 2.74
N ILE A 123 -0.21 -13.76 1.77
CA ILE A 123 -0.42 -12.37 2.06
C ILE A 123 -1.88 -12.08 2.38
N GLU A 124 -2.80 -12.53 1.53
CA GLU A 124 -4.20 -12.14 1.72
C GLU A 124 -4.92 -12.96 2.76
N PHE A 125 -4.76 -14.27 2.72
CA PHE A 125 -5.49 -15.12 3.64
C PHE A 125 -4.77 -15.23 5.00
N ALA A 126 -3.47 -15.51 4.98
CA ALA A 126 -2.74 -15.77 6.24
C ALA A 126 -2.41 -14.47 6.95
N ARG A 127 -1.59 -13.64 6.33
CA ARG A 127 -1.18 -12.36 6.92
C ARG A 127 -2.32 -11.34 7.13
N LEU A 128 -3.03 -11.02 6.04
CA LEU A 128 -4.06 -9.97 6.07
C LEU A 128 -5.39 -10.48 6.64
N GLY A 129 -5.52 -11.79 6.81
CA GLY A 129 -6.66 -12.37 7.48
C GLY A 129 -7.95 -12.33 6.67
N LEU A 130 -7.86 -12.27 5.35
CA LEU A 130 -9.09 -12.36 4.54
C LEU A 130 -9.70 -13.78 4.60
N PRO A 131 -11.01 -13.87 4.78
CA PRO A 131 -11.60 -15.19 4.85
C PRO A 131 -11.56 -15.93 3.50
N LYS A 132 -11.30 -17.23 3.56
CA LYS A 132 -11.37 -18.07 2.36
C LYS A 132 -12.80 -18.24 1.95
N PRO A 133 -13.07 -18.13 0.65
CA PRO A 133 -14.43 -18.33 0.21
C PRO A 133 -14.83 -19.81 0.26
N ASP A 134 -16.10 -20.08 0.57
CA ASP A 134 -16.62 -21.44 0.53
C ASP A 134 -16.58 -21.98 -0.89
N TRP A 135 -16.86 -21.11 -1.86
CA TRP A 135 -16.83 -21.47 -3.29
C TRP A 135 -16.22 -20.37 -4.10
N GLN A 136 -15.49 -20.74 -5.15
CA GLN A 136 -15.07 -19.78 -6.14
C GLN A 136 -15.59 -20.25 -7.48
N VAL A 137 -16.31 -19.38 -8.20
CA VAL A 137 -16.97 -19.81 -9.40
C VAL A 137 -16.31 -19.11 -10.54
N LEU A 138 -15.60 -19.88 -11.37
CA LEU A 138 -14.99 -19.32 -12.56
C LEU A 138 -16.00 -19.28 -13.73
N LEU A 139 -16.29 -18.09 -14.22
CA LEU A 139 -17.01 -17.90 -15.48
C LEU A 139 -16.03 -17.97 -16.65
N ALA A 140 -16.05 -19.06 -17.40
CA ALA A 140 -15.04 -19.28 -18.45
C ALA A 140 -15.72 -19.14 -19.80
N VAL A 141 -15.41 -18.05 -20.49
CA VAL A 141 -16.03 -17.79 -21.80
C VAL A 141 -15.00 -17.75 -22.96
N SER A 142 -15.50 -17.97 -24.16
CA SER A 142 -14.64 -18.08 -25.35
C SER A 142 -13.94 -16.76 -25.63
N ALA A 143 -14.72 -15.70 -25.79
CA ALA A 143 -14.19 -14.32 -25.96
C ALA A 143 -14.90 -13.35 -25.02
N GLU A 144 -14.09 -12.60 -24.27
CA GLU A 144 -14.58 -11.58 -23.37
C GLU A 144 -15.19 -10.43 -24.18
N ASP A 168 -3.71 -6.64 -23.39
CA ASP A 168 -3.18 -7.62 -24.35
C ASP A 168 -4.05 -8.89 -24.34
N ALA A 169 -4.35 -9.42 -25.52
CA ALA A 169 -5.29 -10.54 -25.67
C ALA A 169 -4.67 -11.89 -25.29
N GLU A 170 -3.41 -12.10 -25.69
CA GLU A 170 -2.64 -13.28 -25.26
C GLU A 170 -2.49 -13.35 -23.72
N LEU A 171 -2.37 -12.20 -23.08
CA LEU A 171 -2.30 -12.13 -21.61
C LEU A 171 -3.67 -12.42 -21.00
N GLN A 172 -4.71 -11.85 -21.59
CA GLN A 172 -6.08 -12.11 -21.14
C GLN A 172 -6.45 -13.59 -21.27
N GLN A 173 -6.06 -14.22 -22.38
CA GLN A 173 -6.32 -15.66 -22.57
C GLN A 173 -5.42 -16.52 -21.67
N ARG A 174 -4.18 -16.07 -21.43
CA ARG A 174 -3.33 -16.76 -20.46
C ARG A 174 -3.90 -16.67 -19.02
N THR A 175 -4.45 -15.51 -18.69
CA THR A 175 -5.14 -15.33 -17.39
C THR A 175 -6.35 -16.26 -17.25
N GLY A 176 -7.17 -16.33 -18.30
CA GLY A 176 -8.27 -17.29 -18.36
C GLY A 176 -7.79 -18.71 -18.10
N ALA A 177 -6.65 -19.08 -18.69
CA ALA A 177 -6.09 -20.44 -18.54
C ALA A 177 -5.63 -20.70 -17.11
N VAL A 178 -4.90 -19.74 -16.52
CA VAL A 178 -4.40 -19.87 -15.16
C VAL A 178 -5.58 -19.93 -14.18
N TYR A 179 -6.59 -19.11 -14.39
CA TYR A 179 -7.84 -19.28 -13.66
C TYR A 179 -8.31 -20.73 -13.67
N ALA A 180 -8.39 -21.33 -14.85
CA ALA A 180 -8.85 -22.71 -14.98
C ALA A 180 -7.95 -23.63 -14.16
N GLU A 181 -6.67 -23.29 -14.08
CA GLU A 181 -5.73 -24.06 -13.31
C GLU A 181 -5.90 -23.91 -11.81
N LEU A 182 -6.23 -22.72 -11.33
CA LEU A 182 -6.58 -22.54 -9.93
C LEU A 182 -7.82 -23.40 -9.61
N ALA A 183 -8.80 -23.39 -10.50
CA ALA A 183 -10.02 -24.18 -10.30
C ALA A 183 -9.73 -25.70 -10.25
N ALA A 184 -8.87 -26.17 -11.15
CA ALA A 184 -8.53 -27.60 -11.21
C ALA A 184 -7.74 -28.04 -9.98
N GLN A 185 -6.95 -27.13 -9.41
CA GLN A 185 -6.15 -27.43 -8.20
C GLN A 185 -6.87 -27.15 -6.87
N GLY A 186 -8.09 -26.64 -6.91
CA GLY A 186 -8.77 -26.20 -5.69
C GLY A 186 -8.01 -25.17 -4.85
N TRP A 187 -7.47 -24.16 -5.53
CA TRP A 187 -6.68 -23.13 -4.90
C TRP A 187 -7.59 -22.28 -3.95
N GLY A 188 -7.20 -22.24 -2.68
CA GLY A 188 -7.95 -21.53 -1.64
C GLY A 188 -9.31 -22.11 -1.30
N GLY A 189 -9.63 -23.29 -1.81
CA GLY A 189 -10.94 -23.89 -1.56
C GLY A 189 -11.56 -24.48 -2.80
N ARG A 190 -12.82 -24.85 -2.69
CA ARG A 190 -13.58 -25.49 -3.77
C ARG A 190 -13.97 -24.52 -4.87
N TRP A 191 -13.90 -24.98 -6.10
CA TRP A 191 -14.34 -24.21 -7.26
C TRP A 191 -15.39 -24.95 -8.06
N LEU A 192 -16.07 -24.19 -8.91
CA LEU A 192 -16.86 -24.68 -10.02
C LEU A 192 -16.48 -23.82 -11.21
N VAL A 193 -16.43 -24.40 -12.42
CA VAL A 193 -16.19 -23.66 -13.65
C VAL A 193 -17.50 -23.65 -14.42
N VAL A 194 -17.93 -22.49 -14.94
CA VAL A 194 -19.23 -22.43 -15.60
C VAL A 194 -19.12 -21.63 -16.86
N GLY A 195 -20.07 -21.82 -17.75
CA GLY A 195 -20.16 -21.09 -19.01
C GLY A 195 -21.16 -19.96 -19.00
N ALA A 196 -21.19 -19.24 -20.11
CA ALA A 196 -22.05 -18.07 -20.28
C ALA A 196 -23.52 -18.39 -20.08
N ASP A 197 -23.94 -19.59 -20.47
CA ASP A 197 -25.36 -20.01 -20.39
C ASP A 197 -25.68 -20.97 -19.23
N VAL A 198 -24.89 -20.95 -18.17
CA VAL A 198 -25.19 -21.81 -17.01
C VAL A 198 -26.54 -21.44 -16.41
N ASP A 199 -27.30 -22.45 -15.97
CA ASP A 199 -28.61 -22.20 -15.37
C ASP A 199 -28.38 -21.77 -13.94
N PRO A 200 -28.83 -20.55 -13.58
CA PRO A 200 -28.59 -20.06 -12.23
C PRO A 200 -29.30 -20.82 -11.12
N GLY A 201 -30.48 -21.38 -11.42
CA GLY A 201 -31.23 -22.12 -10.43
C GLY A 201 -30.49 -23.38 -10.07
N ARG A 202 -29.95 -24.04 -11.09
CA ARG A 202 -29.17 -25.25 -10.86
C ARG A 202 -27.87 -24.90 -10.16
N LEU A 203 -27.24 -23.80 -10.56
CA LEU A 203 -25.97 -23.39 -9.94
C LEU A 203 -26.18 -23.06 -8.46
N ALA A 204 -27.24 -22.32 -8.15
CA ALA A 204 -27.59 -21.99 -6.75
C ALA A 204 -27.79 -23.23 -5.89
N ALA A 205 -28.49 -24.23 -6.43
CA ALA A 205 -28.69 -25.52 -5.76
C ALA A 205 -27.37 -26.25 -5.46
N THR A 206 -26.45 -26.26 -6.42
CA THR A 206 -25.14 -26.86 -6.20
C THR A 206 -24.35 -26.15 -5.10
N LEU A 207 -24.42 -24.83 -5.06
CA LEU A 207 -23.63 -24.05 -4.12
C LEU A 207 -24.17 -24.15 -2.68
N ALA A 208 -25.49 -24.26 -2.53
CA ALA A 208 -26.19 -24.32 -1.22
C ALA A 208 -25.74 -25.44 -0.29
N PRO A 209 -25.68 -25.14 1.04
CA PRO A 209 -25.14 -26.04 2.08
C PRO A 209 -26.04 -27.23 2.38
N MET B 1 2.63 22.70 17.30
CA MET B 1 3.65 22.74 16.21
C MET B 1 4.12 21.35 15.76
N LEU B 2 4.33 21.19 14.44
CA LEU B 2 4.77 19.94 13.83
C LEU B 2 6.17 20.05 13.17
N ILE B 3 7.09 19.23 13.68
CA ILE B 3 8.47 19.22 13.24
C ILE B 3 8.86 17.82 12.79
N ALA B 4 9.59 17.74 11.67
CA ALA B 4 10.11 16.47 11.15
C ALA B 4 11.64 16.51 11.14
N ILE B 5 12.26 15.45 11.65
CA ILE B 5 13.70 15.27 11.60
C ILE B 5 14.00 14.35 10.42
N GLU B 6 14.95 14.77 9.60
CA GLU B 6 15.30 14.07 8.37
C GLU B 6 16.80 13.88 8.24
N GLY B 7 17.19 12.91 7.44
CA GLY B 7 18.58 12.68 7.14
C GLY B 7 18.80 11.22 6.79
N VAL B 8 20.03 10.89 6.42
N VAL B 8 20.03 10.93 6.39
CA VAL B 8 20.36 9.52 6.02
CA VAL B 8 20.42 9.59 5.95
C VAL B 8 20.40 8.59 7.23
C VAL B 8 20.84 8.76 7.14
N ASP B 9 20.50 7.29 6.98
N ASP B 9 21.26 9.42 8.21
CA ASP B 9 20.62 6.33 8.08
CA ASP B 9 21.84 8.78 9.39
C ASP B 9 21.98 6.54 8.75
C ASP B 9 20.78 8.43 10.43
N GLY B 10 21.99 6.54 10.09
N GLY B 10 20.64 7.14 10.72
CA GLY B 10 23.23 6.63 10.85
CA GLY B 10 19.57 6.67 11.60
C GLY B 10 23.74 8.05 11.04
C GLY B 10 19.83 6.94 13.06
N ALA B 11 22.94 9.03 10.62
N ALA B 11 20.99 6.50 13.54
CA ALA B 11 23.32 10.43 10.76
CA ALA B 11 21.32 6.65 14.93
C ALA B 11 23.22 10.82 12.24
C ALA B 11 21.40 8.13 15.25
N GLY B 12 22.36 10.13 12.96
N GLY B 12 21.98 8.88 14.31
CA GLY B 12 22.17 10.39 14.39
CA GLY B 12 22.14 10.32 14.46
C GLY B 12 20.84 11.03 14.72
C GLY B 12 20.82 11.02 14.73
N LYS B 13 19.84 10.78 13.87
CA LYS B 13 18.51 11.38 14.02
C LYS B 13 17.82 11.10 15.36
N ARG B 14 17.86 9.84 15.78
CA ARG B 14 17.20 9.42 17.03
C ARG B 14 17.76 10.17 18.25
N THR B 15 19.10 10.27 18.32
CA THR B 15 19.75 11.07 19.36
C THR B 15 19.17 12.48 19.29
N LEU B 16 19.23 13.09 18.11
CA LEU B 16 18.74 14.45 17.94
C LEU B 16 17.30 14.57 18.41
N VAL B 17 16.48 13.57 18.06
CA VAL B 17 15.07 13.55 18.49
C VAL B 17 14.97 13.54 20.02
N GLU B 18 15.59 12.54 20.65
CA GLU B 18 15.68 12.46 22.12
C GLU B 18 16.13 13.77 22.74
N LYS B 19 17.27 14.24 22.28
CA LYS B 19 17.86 15.48 22.77
C LYS B 19 16.89 16.66 22.63
N LEU B 20 16.33 16.84 21.43
CA LEU B 20 15.42 17.94 21.15
C LEU B 20 14.14 17.94 22.03
N SER B 21 13.66 16.75 22.39
CA SER B 21 12.45 16.61 23.20
C SER B 21 12.72 17.02 24.65
N GLY B 22 13.94 16.79 25.11
CA GLY B 22 14.37 17.24 26.43
C GLY B 22 14.40 18.77 26.48
N ALA B 23 14.99 19.38 25.46
CA ALA B 23 15.05 20.83 25.37
C ALA B 23 13.66 21.47 25.45
N PHE B 24 12.70 20.86 24.75
CA PHE B 24 11.33 21.37 24.73
C PHE B 24 10.64 21.19 26.08
N ARG B 25 10.73 19.97 26.65
CA ARG B 25 10.18 19.70 28.00
C ARG B 25 10.80 20.55 29.12
N ALA B 26 12.09 20.83 29.02
CA ALA B 26 12.75 21.72 30.00
C ALA B 26 12.24 23.17 29.89
N ALA B 27 11.67 23.54 28.74
CA ALA B 27 11.11 24.87 28.51
C ALA B 27 9.61 24.94 28.74
N GLY B 28 9.03 23.91 29.36
CA GLY B 28 7.59 23.87 29.61
C GLY B 28 6.73 23.55 28.39
N ARG B 29 7.36 22.91 27.40
CA ARG B 29 6.64 22.40 26.23
C ARG B 29 6.40 20.89 26.38
N SER B 30 5.15 20.46 26.15
CA SER B 30 4.83 19.03 26.08
C SER B 30 5.19 18.46 24.69
N VAL B 31 5.64 17.22 24.66
CA VAL B 31 6.19 16.63 23.44
C VAL B 31 5.71 15.21 23.18
N ALA B 32 5.18 14.99 21.98
CA ALA B 32 4.91 13.64 21.49
C ALA B 32 5.78 13.38 20.26
N THR B 33 6.34 12.18 20.18
CA THR B 33 7.16 11.77 19.04
C THR B 33 6.55 10.55 18.35
N LEU B 34 6.74 10.46 17.04
CA LEU B 34 6.39 9.28 16.29
C LEU B 34 7.52 9.01 15.26
N ALA B 35 7.80 7.74 15.01
CA ALA B 35 8.85 7.34 14.09
C ALA B 35 8.23 6.70 12.87
N PHE B 36 8.64 7.17 11.68
CA PHE B 36 8.32 6.50 10.42
C PHE B 36 9.55 5.88 9.79
N PRO B 37 9.40 4.75 9.09
CA PRO B 37 8.12 4.04 8.91
C PRO B 37 7.67 3.37 10.21
N ARG B 38 6.39 3.03 10.29
CA ARG B 38 5.83 2.42 11.49
C ARG B 38 5.97 0.91 11.39
N TYR B 39 7.21 0.45 11.41
CA TYR B 39 7.48 -0.97 11.37
C TYR B 39 6.79 -1.65 12.57
N GLY B 40 6.16 -2.78 12.31
CA GLY B 40 5.41 -3.51 13.33
C GLY B 40 4.02 -2.96 13.65
N GLN B 41 3.60 -1.91 12.95
CA GLN B 41 2.27 -1.33 13.16
C GLN B 41 1.50 -1.14 11.87
N SER B 42 2.17 -1.33 10.74
CA SER B 42 1.62 -0.97 9.44
C SER B 42 2.08 -2.03 8.45
N VAL B 43 1.11 -2.70 7.82
CA VAL B 43 1.42 -3.74 6.86
C VAL B 43 2.16 -3.16 5.67
N ALA B 44 1.79 -1.94 5.27
CA ALA B 44 2.43 -1.29 4.13
C ALA B 44 3.92 -1.05 4.43
N ALA B 45 4.21 -0.56 5.62
CA ALA B 45 5.58 -0.34 6.07
C ALA B 45 6.34 -1.66 6.17
N ASP B 46 5.76 -2.65 6.82
CA ASP B 46 6.41 -3.97 6.92
C ASP B 46 6.70 -4.59 5.54
N ILE B 47 5.78 -4.48 4.58
CA ILE B 47 6.00 -5.05 3.24
C ILE B 47 7.09 -4.32 2.50
N ALA B 48 7.18 -3.00 2.69
CA ALA B 48 8.22 -2.20 2.03
C ALA B 48 9.60 -2.56 2.59
N ALA B 49 9.72 -2.71 3.90
CA ALA B 49 11.00 -3.11 4.52
C ALA B 49 11.42 -4.51 4.06
N GLU B 50 10.47 -5.43 4.07
CA GLU B 50 10.72 -6.78 3.59
C GLU B 50 11.12 -6.76 2.11
N ALA B 51 10.49 -5.90 1.32
CA ALA B 51 10.87 -5.76 -0.09
C ALA B 51 12.34 -5.33 -0.19
N LEU B 52 12.74 -4.42 0.68
CA LEU B 52 14.10 -3.87 0.63
C LEU B 52 15.08 -4.94 1.00
N HIS B 53 14.66 -5.84 1.89
CA HIS B 53 15.49 -6.97 2.29
C HIS B 53 15.38 -8.15 1.31
N GLY B 54 14.78 -7.92 0.15
CA GLY B 54 14.71 -8.94 -0.90
C GLY B 54 13.49 -9.84 -0.92
N GLU B 55 12.41 -9.49 -0.21
CA GLU B 55 11.19 -10.31 -0.24
C GLU B 55 10.16 -9.75 -1.24
N HIS B 56 9.06 -10.48 -1.43
CA HIS B 56 7.93 -10.04 -2.26
C HIS B 56 8.32 -9.79 -3.72
N GLY B 57 8.99 -10.79 -4.30
CA GLY B 57 9.27 -10.83 -5.72
C GLY B 57 9.90 -9.57 -6.29
N ASP B 58 9.26 -9.01 -7.31
CA ASP B 58 9.82 -7.87 -8.04
C ASP B 58 9.46 -6.49 -7.47
N LEU B 59 8.88 -6.45 -6.28
CA LEU B 59 8.34 -5.20 -5.70
C LEU B 59 9.42 -4.14 -5.53
N ALA B 60 10.58 -4.54 -5.00
CA ALA B 60 11.71 -3.64 -4.80
C ALA B 60 12.28 -3.09 -6.11
N SER B 61 11.94 -3.69 -7.24
CA SER B 61 12.42 -3.18 -8.54
C SER B 61 11.73 -1.86 -8.98
N SER B 62 10.66 -1.47 -8.29
CA SER B 62 9.92 -0.24 -8.62
C SER B 62 10.04 0.78 -7.50
N VAL B 63 10.73 1.87 -7.79
CA VAL B 63 10.95 2.93 -6.81
C VAL B 63 9.62 3.55 -6.40
N TYR B 64 8.78 3.86 -7.38
CA TYR B 64 7.43 4.38 -7.11
C TYR B 64 6.53 3.42 -6.31
N ALA B 65 6.68 2.12 -6.53
CA ALA B 65 5.94 1.14 -5.74
C ALA B 65 6.32 1.21 -4.26
N MET B 66 7.62 1.28 -4.01
CA MET B 66 8.15 1.36 -2.66
C MET B 66 7.74 2.66 -2.03
N ALA B 67 7.89 3.74 -2.80
CA ALA B 67 7.46 5.07 -2.37
C ALA B 67 5.97 5.09 -2.03
N THR B 68 5.19 4.37 -2.82
CA THR B 68 3.74 4.34 -2.57
C THR B 68 3.43 3.67 -1.23
N LEU B 69 4.12 2.56 -0.95
CA LEU B 69 3.91 1.85 0.32
C LEU B 69 4.22 2.76 1.51
N PHE B 70 5.39 3.40 1.48
CA PHE B 70 5.77 4.24 2.60
C PHE B 70 4.77 5.36 2.78
N ALA B 71 4.32 5.94 1.68
CA ALA B 71 3.29 6.98 1.76
C ALA B 71 1.99 6.44 2.36
N LEU B 72 1.64 5.20 2.00
CA LEU B 72 0.42 4.57 2.55
C LEU B 72 0.53 4.35 4.07
N ASP B 73 1.74 4.02 4.52
CA ASP B 73 1.99 3.92 5.94
C ASP B 73 1.67 5.28 6.60
N ARG B 74 2.21 6.35 6.03
CA ARG B 74 1.96 7.67 6.58
C ARG B 74 0.50 8.10 6.43
N ALA B 75 -0.11 7.82 5.30
CA ALA B 75 -1.54 8.15 5.11
C ALA B 75 -2.38 7.46 6.17
N GLY B 76 -1.96 6.27 6.59
CA GLY B 76 -2.66 5.53 7.65
C GLY B 76 -2.51 6.13 9.04
N ALA B 77 -1.60 7.09 9.18
CA ALA B 77 -1.32 7.71 10.46
C ALA B 77 -1.83 9.15 10.53
N VAL B 78 -2.51 9.60 9.47
CA VAL B 78 -2.85 11.01 9.32
C VAL B 78 -3.69 11.57 10.48
N HIS B 79 -4.72 10.83 10.89
CA HIS B 79 -5.61 11.28 11.97
C HIS B 79 -4.84 11.34 13.27
N THR B 80 -4.06 10.29 13.55
CA THR B 80 -3.21 10.23 14.71
C THR B 80 -2.32 11.48 14.80
N ILE B 81 -1.56 11.74 13.74
CA ILE B 81 -0.69 12.90 13.69
C ILE B 81 -1.48 14.15 14.04
N GLN B 82 -2.64 14.34 13.42
CA GLN B 82 -3.48 15.49 13.73
C GLN B 82 -3.97 15.45 15.18
N GLY B 83 -4.17 14.25 15.73
CA GLY B 83 -4.57 14.09 17.13
C GLY B 83 -3.50 14.50 18.11
N LEU B 84 -2.25 14.18 17.79
CA LEU B 84 -1.11 14.58 18.62
C LEU B 84 -0.90 16.11 18.60
N CYS B 85 -1.09 16.71 17.42
CA CYS B 85 -0.92 18.16 17.25
C CYS B 85 -1.98 19.01 17.96
N ARG B 86 -3.13 18.42 18.24
CA ARG B 86 -4.15 19.08 19.03
C ARG B 86 -3.82 18.92 20.51
N GLY B 87 -3.35 17.73 20.88
CA GLY B 87 -3.09 17.42 22.29
C GLY B 87 -1.79 17.94 22.87
N TYR B 88 -0.79 18.14 22.01
CA TYR B 88 0.58 18.47 22.44
C TYR B 88 1.04 19.80 21.83
N ASP B 89 1.93 20.48 22.54
CA ASP B 89 2.51 21.73 22.06
C ASP B 89 3.38 21.43 20.84
N VAL B 90 4.18 20.39 20.96
CA VAL B 90 5.13 20.04 19.91
C VAL B 90 5.02 18.56 19.59
N VAL B 91 5.00 18.26 18.30
CA VAL B 91 5.04 16.89 17.82
C VAL B 91 6.26 16.75 16.92
N ILE B 92 7.15 15.82 17.28
CA ILE B 92 8.38 15.57 16.53
C ILE B 92 8.26 14.24 15.81
N LEU B 93 8.35 14.29 14.48
CA LEU B 93 8.36 13.08 13.68
C LEU B 93 9.78 12.70 13.35
N ASP B 94 10.17 11.49 13.68
CA ASP B 94 11.45 10.98 13.24
C ASP B 94 11.24 10.35 11.85
N ARG B 95 11.58 11.13 10.81
CA ARG B 95 11.25 10.90 9.38
C ARG B 95 9.81 11.24 9.05
N TYR B 96 9.61 11.79 7.86
CA TYR B 96 8.27 12.13 7.38
C TYR B 96 8.30 12.18 5.83
N VAL B 97 7.50 13.04 5.22
CA VAL B 97 7.25 12.98 3.78
C VAL B 97 8.54 13.19 2.98
N ALA B 98 9.41 14.04 3.50
CA ALA B 98 10.68 14.36 2.84
C ALA B 98 11.56 13.15 2.60
N SER B 99 11.55 12.18 3.52
CA SER B 99 12.33 10.95 3.34
C SER B 99 11.93 10.30 2.02
N ASN B 100 10.64 10.38 1.67
CA ASN B 100 10.17 9.74 0.45
C ASN B 100 10.73 10.44 -0.76
N ALA B 101 10.72 11.78 -0.73
CA ALA B 101 11.25 12.56 -1.84
C ALA B 101 12.76 12.30 -2.03
N ALA B 102 13.51 12.35 -0.93
CA ALA B 102 14.97 12.27 -0.99
C ALA B 102 15.45 10.89 -1.45
N TYR B 103 14.92 9.83 -0.86
CA TYR B 103 15.39 8.49 -1.18
C TYR B 103 14.89 8.07 -2.56
N SER B 104 13.65 8.41 -2.88
CA SER B 104 13.13 8.14 -4.23
C SER B 104 13.90 8.89 -5.33
N ALA B 105 14.00 10.21 -5.24
CA ALA B 105 14.87 10.95 -6.17
C ALA B 105 16.27 10.33 -6.28
N ALA B 106 16.91 10.06 -5.15
CA ALA B 106 18.26 9.49 -5.15
C ALA B 106 18.33 8.15 -5.93
N ARG B 107 17.32 7.30 -5.73
CA ARG B 107 17.24 6.00 -6.44
C ARG B 107 17.14 6.17 -7.95
N LEU B 108 16.49 7.24 -8.37
CA LEU B 108 16.27 7.54 -9.77
C LEU B 108 17.34 8.48 -10.36
N HIS B 109 18.41 8.75 -9.61
CA HIS B 109 19.42 9.71 -10.02
C HIS B 109 18.78 11.05 -10.44
N GLU B 110 17.75 11.44 -9.68
CA GLU B 110 17.07 12.71 -9.91
C GLU B 110 17.50 13.68 -8.84
N ASN B 111 17.26 14.96 -9.08
CA ASN B 111 17.47 15.98 -8.06
C ASN B 111 16.13 16.44 -7.46
N ALA B 112 16.16 17.43 -6.58
CA ALA B 112 14.94 17.92 -5.90
C ALA B 112 13.91 18.58 -6.84
N ALA B 113 14.36 19.01 -8.03
CA ALA B 113 13.46 19.60 -9.02
C ALA B 113 12.83 18.52 -9.91
N GLY B 114 13.16 17.25 -9.65
CA GLY B 114 12.78 16.16 -10.51
C GLY B 114 11.34 15.70 -10.34
N LYS B 115 10.98 14.65 -11.06
CA LYS B 115 9.60 14.18 -11.15
C LYS B 115 9.15 13.43 -9.88
N ALA B 116 10.06 12.63 -9.31
CA ALA B 116 9.78 11.81 -8.12
C ALA B 116 9.45 12.70 -6.92
N ALA B 117 10.31 13.70 -6.69
CA ALA B 117 10.11 14.70 -5.64
C ALA B 117 8.78 15.41 -5.78
N ALA B 118 8.44 15.82 -7.00
CA ALA B 118 7.15 16.46 -7.26
C ALA B 118 5.99 15.49 -7.07
N TRP B 119 6.18 14.25 -7.53
CA TRP B 119 5.14 13.24 -7.32
C TRP B 119 4.88 12.98 -5.82
N VAL B 120 5.93 12.86 -5.00
CA VAL B 120 5.73 12.65 -3.57
C VAL B 120 4.92 13.78 -2.94
N GLN B 121 5.26 15.01 -3.29
CA GLN B 121 4.56 16.17 -2.74
C GLN B 121 3.08 16.14 -3.08
N ARG B 122 2.75 15.81 -4.32
CA ARG B 122 1.34 15.76 -4.74
C ARG B 122 0.57 14.64 -4.06
N ILE B 123 1.19 13.46 -3.97
CA ILE B 123 0.47 12.30 -3.49
C ILE B 123 0.30 12.33 -1.95
N GLU B 124 1.34 12.72 -1.22
CA GLU B 124 1.24 12.67 0.25
C GLU B 124 0.54 13.89 0.81
N PHE B 125 0.95 15.09 0.40
CA PHE B 125 0.37 16.32 0.96
C PHE B 125 -0.99 16.71 0.33
N ALA B 126 -1.11 16.67 -1.00
CA ALA B 126 -2.34 17.10 -1.65
C ALA B 126 -3.36 15.98 -1.57
N ARG B 127 -3.06 14.85 -2.21
CA ARG B 127 -4.03 13.76 -2.31
C ARG B 127 -4.35 13.05 -1.00
N LEU B 128 -3.31 12.61 -0.28
CA LEU B 128 -3.51 11.85 0.95
C LEU B 128 -3.75 12.74 2.13
N GLY B 129 -3.55 14.03 1.97
CA GLY B 129 -3.87 15.02 3.00
C GLY B 129 -2.98 14.98 4.24
N LEU B 130 -1.77 14.46 4.11
CA LEU B 130 -0.80 14.50 5.20
C LEU B 130 -0.47 15.95 5.52
N PRO B 131 -0.47 16.30 6.81
CA PRO B 131 -0.25 17.71 7.11
C PRO B 131 1.21 18.13 6.85
N LYS B 132 1.41 19.35 6.36
CA LYS B 132 2.75 19.89 6.10
C LYS B 132 3.42 20.28 7.42
N PRO B 133 4.67 19.84 7.64
CA PRO B 133 5.32 20.22 8.89
C PRO B 133 5.62 21.70 8.95
N ASP B 134 5.54 22.28 10.14
CA ASP B 134 5.93 23.68 10.32
C ASP B 134 7.42 23.85 10.09
N TRP B 135 8.19 22.86 10.56
CA TRP B 135 9.64 22.82 10.36
C TRP B 135 10.09 21.44 9.91
N GLN B 136 11.08 21.41 9.02
CA GLN B 136 11.80 20.17 8.73
C GLN B 136 13.27 20.39 9.04
N VAL B 137 13.80 19.58 9.94
CA VAL B 137 15.19 19.70 10.39
C VAL B 137 16.05 18.63 9.73
N LEU B 138 17.00 19.06 8.88
CA LEU B 138 17.93 18.14 8.21
C LEU B 138 19.19 18.00 9.04
N LEU B 139 19.40 16.81 9.59
CA LEU B 139 20.69 16.50 10.19
C LEU B 139 21.66 16.07 9.07
N ALA B 140 22.46 17.02 8.61
CA ALA B 140 23.27 16.85 7.41
C ALA B 140 24.60 16.20 7.72
N VAL B 141 25.04 15.34 6.81
CA VAL B 141 26.39 14.74 6.85
C VAL B 141 27.06 14.81 5.47
N SER B 142 28.36 14.63 5.45
CA SER B 142 29.10 14.65 4.19
C SER B 142 28.94 13.33 3.45
N ALA B 143 29.30 13.35 2.16
CA ALA B 143 29.46 12.15 1.35
C ALA B 143 30.40 11.15 2.00
N GLU B 144 31.36 11.65 2.77
CA GLU B 144 32.33 10.82 3.48
C GLU B 144 31.57 9.79 4.35
N LEU B 145 30.78 10.30 5.30
CA LEU B 145 30.04 9.43 6.23
C LEU B 145 28.52 9.36 5.95
N ALA B 146 28.14 9.51 4.67
CA ALA B 146 26.75 9.30 4.24
C ALA B 146 26.51 7.81 3.91
N ASP B 168 23.19 0.91 -0.04
CA ASP B 168 24.61 1.04 -0.31
C ASP B 168 25.14 2.45 -0.02
N ALA B 169 26.47 2.59 -0.03
CA ALA B 169 27.12 3.86 0.25
C ALA B 169 26.70 4.96 -0.74
N GLU B 170 26.60 4.61 -2.03
CA GLU B 170 26.35 5.61 -3.10
C GLU B 170 24.93 6.17 -3.11
N LEU B 171 23.95 5.33 -2.82
CA LEU B 171 22.56 5.76 -2.68
C LEU B 171 22.45 6.77 -1.54
N GLN B 172 23.11 6.47 -0.44
CA GLN B 172 23.05 7.35 0.73
C GLN B 172 23.70 8.70 0.43
N GLN B 173 24.77 8.69 -0.37
CA GLN B 173 25.44 9.93 -0.79
C GLN B 173 24.48 10.78 -1.65
N ARG B 174 23.86 10.16 -2.66
CA ARG B 174 22.88 10.87 -3.50
C ARG B 174 21.70 11.35 -2.67
N THR B 175 21.35 10.60 -1.64
CA THR B 175 20.18 10.95 -0.81
C THR B 175 20.46 12.19 0.03
N GLY B 176 21.66 12.26 0.59
CA GLY B 176 22.11 13.48 1.26
C GLY B 176 22.09 14.73 0.40
N ALA B 177 22.50 14.61 -0.85
CA ALA B 177 22.48 15.73 -1.79
C ALA B 177 21.07 16.18 -2.10
N VAL B 178 20.15 15.24 -2.32
CA VAL B 178 18.74 15.62 -2.58
C VAL B 178 18.10 16.30 -1.35
N TYR B 179 18.35 15.77 -0.17
CA TYR B 179 17.86 16.35 1.07
C TYR B 179 18.25 17.82 1.21
N ALA B 180 19.52 18.15 0.94
CA ALA B 180 19.98 19.54 1.03
C ALA B 180 19.27 20.41 -0.02
N GLU B 181 19.14 19.89 -1.23
CA GLU B 181 18.38 20.56 -2.28
C GLU B 181 16.95 20.83 -1.85
N LEU B 182 16.28 19.81 -1.30
CA LEU B 182 14.91 19.99 -0.79
C LEU B 182 14.87 21.11 0.23
N ALA B 183 15.86 21.15 1.11
CA ALA B 183 15.94 22.19 2.15
C ALA B 183 16.11 23.61 1.56
N ALA B 184 16.92 23.71 0.52
CA ALA B 184 17.18 24.99 -0.14
C ALA B 184 15.90 25.49 -0.83
N GLN B 185 15.07 24.57 -1.31
CA GLN B 185 13.82 24.91 -2.00
C GLN B 185 12.70 25.30 -1.07
N GLY B 186 12.85 25.02 0.22
CA GLY B 186 11.74 25.16 1.16
C GLY B 186 10.64 24.16 0.85
N TRP B 187 11.04 22.98 0.36
CA TRP B 187 10.09 21.93 -0.08
C TRP B 187 9.21 21.49 1.09
N GLY B 188 7.91 21.62 0.91
CA GLY B 188 6.95 21.32 1.97
C GLY B 188 6.86 22.31 3.13
N GLY B 189 7.69 23.36 3.13
CA GLY B 189 7.78 24.27 4.30
C GLY B 189 9.21 24.74 4.58
N ARG B 190 9.37 25.44 5.70
CA ARG B 190 10.67 25.87 6.19
C ARG B 190 11.54 24.69 6.62
N TRP B 191 12.85 24.82 6.39
CA TRP B 191 13.84 23.84 6.82
C TRP B 191 14.92 24.49 7.68
N LEU B 192 15.48 23.71 8.60
CA LEU B 192 16.74 24.07 9.24
C LEU B 192 17.70 22.97 8.84
N VAL B 193 18.98 23.32 8.71
CA VAL B 193 20.05 22.39 8.43
C VAL B 193 21.07 22.49 9.57
N VAL B 194 21.30 21.37 10.25
CA VAL B 194 22.19 21.31 11.40
C VAL B 194 23.13 20.14 11.31
N GLY B 195 24.25 20.26 12.02
CA GLY B 195 25.21 19.16 12.16
C GLY B 195 24.85 18.25 13.32
N ALA B 196 25.56 17.13 13.40
CA ALA B 196 25.27 16.07 14.37
C ALA B 196 25.25 16.55 15.82
N ASP B 197 26.27 17.30 16.21
CA ASP B 197 26.41 17.76 17.60
C ASP B 197 25.70 19.09 17.74
N VAL B 198 24.38 19.02 17.61
CA VAL B 198 23.57 20.20 17.66
C VAL B 198 23.46 20.67 19.10
N ASP B 199 23.25 21.97 19.31
CA ASP B 199 22.94 22.52 20.62
C ASP B 199 21.41 22.43 20.83
N PRO B 200 20.94 21.48 21.66
CA PRO B 200 19.52 21.17 21.70
C PRO B 200 18.64 22.32 22.21
N GLY B 201 19.10 23.03 23.23
CA GLY B 201 18.35 24.15 23.77
C GLY B 201 18.23 25.29 22.78
N ARG B 202 19.31 25.56 22.05
CA ARG B 202 19.31 26.62 21.05
C ARG B 202 18.42 26.21 19.87
N LEU B 203 18.41 24.93 19.52
CA LEU B 203 17.58 24.45 18.41
C LEU B 203 16.10 24.56 18.76
N ALA B 204 15.73 24.09 19.95
CA ALA B 204 14.38 24.25 20.49
C ALA B 204 13.96 25.71 20.51
N ALA B 205 14.86 26.60 20.90
CA ALA B 205 14.55 28.02 20.98
C ALA B 205 14.33 28.62 19.58
N THR B 206 15.14 28.20 18.62
CA THR B 206 14.92 28.61 17.22
C THR B 206 13.53 28.15 16.74
N LEU B 207 13.18 26.91 17.11
CA LEU B 207 11.96 26.29 16.61
C LEU B 207 10.71 26.88 17.30
N ALA B 208 10.67 26.82 18.64
CA ALA B 208 9.57 27.33 19.48
C ALA B 208 8.74 28.50 18.90
N PRO B 209 7.39 28.38 18.94
CA PRO B 209 6.51 29.47 18.49
C PRO B 209 6.37 30.55 19.57
C15 QZ3 C . -8.26 -7.49 -8.94
C18 QZ3 C . -8.00 -7.43 -12.64
C22 QZ3 C . -8.37 -5.53 -11.29
C19 QZ3 C . -9.02 -7.03 -13.46
C21 QZ3 C . -9.41 -5.13 -12.11
C4 QZ3 C . -2.99 -8.07 -10.41
C17 QZ3 C . -7.66 -6.69 -11.53
C6 QZ3 C . -5.17 -7.34 -11.03
C5 QZ3 C . -4.30 -7.89 -10.12
C20 QZ3 C . -9.74 -5.88 -13.21
C3 QZ3 C . -2.53 -7.68 -11.64
C7 QZ3 C . -4.63 -6.97 -12.25
C11 QZ3 C . -6.94 -7.58 -9.42
C10 QZ3 C . -6.58 -7.18 -10.66
C12 QZ3 C . -6.01 -8.16 -8.44
C9 QZ3 C . -5.43 -6.34 -13.37
C1 QZ3 C . -0.43 -6.60 -12.39
C27 QZ3 C . -12.50 -4.04 -12.55
C2 QZ3 C . -1.06 -7.89 -11.96
N16 QZ3 C . -9.35 -7.42 -8.55
N8 QZ3 C . -3.33 -7.13 -12.55
N14 QZ3 C . -4.71 -8.29 -8.86
N23 QZ3 C . -10.80 -5.59 -14.15
O13 QZ3 C . -6.42 -8.50 -7.34
O25 QZ3 C . -12.89 -4.42 -15.08
O26 QZ3 C . -10.92 -3.01 -14.41
S24 QZ3 C . -11.79 -4.16 -14.17
NA NA D . 8.52 -16.09 -14.87
C15 QZ3 E . 10.90 6.36 4.85
C18 QZ3 E . 14.35 5.46 4.51
C22 QZ3 E . 12.69 3.96 5.28
C19 QZ3 E . 15.14 5.15 5.59
C21 QZ3 E . 13.48 3.63 6.36
C4 QZ3 E . 11.90 5.44 -0.50
C17 QZ3 E . 13.11 4.88 4.33
C6 QZ3 E . 12.53 5.08 1.78
C5 QZ3 E . 11.70 5.64 0.85
C20 QZ3 E . 14.71 4.23 6.52
C3 QZ3 E . 12.96 4.65 -0.89
C7 QZ3 E . 13.57 4.31 1.29
C11 QZ3 E . 11.23 6.07 3.52
C10 QZ3 E . 12.29 5.30 3.19
C12 QZ3 E . 10.31 6.66 2.52
C9 QZ3 E . 14.54 3.65 2.22
C1 QZ3 E . 12.68 3.11 -2.81
C27 QZ3 E . 13.60 4.03 9.66
C2 QZ3 E . 13.18 4.46 -2.36
N16 QZ3 E . 10.64 6.60 5.95
N8 QZ3 E . 13.80 4.09 -0.02
N14 QZ3 E . 10.61 6.41 1.22
N23 QZ3 E . 15.58 3.92 7.64
O13 QZ3 E . 9.36 7.34 2.90
O25 QZ3 E . 14.63 1.77 8.74
O26 QZ3 E . 16.05 3.33 10.10
S24 QZ3 E . 15.03 3.13 9.09
NA NA F . 16.73 9.00 -13.87
#